data_8K6Q
#
_entry.id   8K6Q
#
_cell.length_a   44.584
_cell.length_b   36.706
_cell.length_c   54.581
_cell.angle_alpha   90.000
_cell.angle_beta   95.251
_cell.angle_gamma   90.000
#
_symmetry.space_group_name_H-M   'P 1 21 1'
#
loop_
_entity.id
_entity.type
_entity.pdbx_description
1 polymer 'RanBP-type and C3HC4-type zinc finger-containing protein 1'
2 water water
#
_entity_poly.entity_id   1
_entity_poly.type   'polypeptide(L)'
_entity_poly.pdbx_seq_one_letter_code
;GPGSEFMDEKTKKAEEMALSLTRAVAGGDEQVAMKCAIWLAEQRVPLSVQLKPEVSP
;
_entity_poly.pdbx_strand_id   B,D,A,C
#
# COMPACT_ATOMS: atom_id res chain seq x y z
N GLY A 1 -21.98 -29.98 8.19
CA GLY A 1 -22.32 -29.18 9.35
C GLY A 1 -21.09 -28.68 10.10
N PRO A 2 -21.26 -28.41 11.39
CA PRO A 2 -20.13 -27.93 12.18
C PRO A 2 -19.06 -28.99 12.35
N GLY A 3 -17.80 -28.55 12.36
CA GLY A 3 -16.70 -29.47 12.48
C GLY A 3 -16.44 -30.32 11.26
N SER A 4 -16.53 -29.73 10.07
CA SER A 4 -16.38 -30.53 8.87
C SER A 4 -14.91 -30.61 8.45
N GLU A 5 -14.61 -31.62 7.64
CA GLU A 5 -13.28 -31.71 7.05
C GLU A 5 -12.97 -30.47 6.22
N PHE A 6 -13.95 -29.97 5.46
CA PHE A 6 -13.73 -28.79 4.63
C PHE A 6 -13.37 -27.59 5.49
N MET A 7 -14.10 -27.40 6.58
CA MET A 7 -13.81 -26.26 7.44
C MET A 7 -12.40 -26.36 8.00
N ASP A 8 -11.96 -27.57 8.35
CA ASP A 8 -10.60 -27.70 8.86
C ASP A 8 -9.57 -27.43 7.75
N GLU A 9 -9.86 -27.85 6.52
CA GLU A 9 -8.98 -27.51 5.40
C GLU A 9 -8.87 -26.00 5.24
N LYS A 10 -10.01 -25.30 5.28
CA LYS A 10 -9.98 -23.86 5.02
C LYS A 10 -9.35 -23.11 6.19
N THR A 11 -9.56 -23.60 7.42
CA THR A 11 -8.92 -22.96 8.57
C THR A 11 -7.42 -23.12 8.50
N LYS A 12 -6.96 -24.31 8.10
CA LYS A 12 -5.53 -24.55 7.92
C LYS A 12 -4.94 -23.59 6.88
N LYS A 13 -5.66 -23.40 5.77
CA LYS A 13 -5.20 -22.49 4.73
C LYS A 13 -5.16 -21.06 5.26
N ALA A 14 -6.18 -20.65 5.99
CA ALA A 14 -6.18 -19.28 6.52
C ALA A 14 -5.06 -19.07 7.54
N GLU A 15 -4.77 -20.07 8.35
CA GLU A 15 -3.65 -19.93 9.29
C GLU A 15 -2.32 -19.80 8.57
N GLU A 16 -2.11 -20.58 7.50
CA GLU A 16 -0.93 -20.44 6.65
C GLU A 16 -0.81 -19.02 6.12
N MET A 17 -1.92 -18.48 5.61
CA MET A 17 -1.88 -17.14 5.03
C MET A 17 -1.60 -16.09 6.09
N ALA A 18 -2.12 -16.29 7.31
CA ALA A 18 -1.79 -15.34 8.37
C ALA A 18 -0.31 -15.37 8.70
N LEU A 19 0.27 -16.57 8.76
CA LEU A 19 1.71 -16.69 9.00
C LEU A 19 2.51 -16.08 7.86
N SER A 20 2.05 -16.26 6.61
CA SER A 20 2.74 -15.66 5.46
C SER A 20 2.66 -14.15 5.50
N LEU A 21 1.52 -13.61 5.92
CA LEU A 21 1.41 -12.16 6.12
C LEU A 21 2.41 -11.67 7.16
N THR A 22 2.49 -12.36 8.32
CA THR A 22 3.40 -11.94 9.38
C THR A 22 4.84 -11.90 8.87
N ARG A 23 5.27 -12.97 8.19
CA ARG A 23 6.64 -13.05 7.70
C ARG A 23 6.90 -11.97 6.65
N ALA A 24 5.97 -11.79 5.71
CA ALA A 24 6.15 -10.78 4.67
C ALA A 24 6.26 -9.39 5.27
N VAL A 25 5.39 -9.08 6.23
CA VAL A 25 5.46 -7.76 6.85
C VAL A 25 6.80 -7.58 7.58
N ALA A 26 7.22 -8.60 8.32
CA ALA A 26 8.47 -8.50 9.08
C ALA A 26 9.67 -8.28 8.17
N GLY A 27 9.66 -8.87 6.99
CA GLY A 27 10.76 -8.76 6.04
C GLY A 27 10.65 -7.64 5.04
N GLY A 28 9.60 -6.82 5.13
CA GLY A 28 9.42 -5.74 4.18
C GLY A 28 9.01 -6.15 2.79
N ASP A 29 8.38 -7.32 2.65
CA ASP A 29 7.95 -7.84 1.35
C ASP A 29 6.56 -7.29 1.07
N GLU A 30 6.53 -6.08 0.48
CA GLU A 30 5.27 -5.34 0.34
C GLU A 30 4.30 -6.05 -0.60
N GLN A 31 4.81 -6.65 -1.68
CA GLN A 31 3.90 -7.29 -2.64
C GLN A 31 3.23 -8.50 -2.04
N VAL A 32 4.00 -9.35 -1.35
CA VAL A 32 3.42 -10.53 -0.74
C VAL A 32 2.48 -10.14 0.40
N ALA A 33 2.86 -9.13 1.20
CA ALA A 33 1.97 -8.69 2.28
C ALA A 33 0.61 -8.26 1.73
N MET A 34 0.61 -7.48 0.63
CA MET A 34 -0.66 -7.04 0.08
C MET A 34 -1.48 -8.22 -0.45
N LYS A 35 -0.84 -9.16 -1.16
CA LYS A 35 -1.60 -10.30 -1.68
C LYS A 35 -2.16 -11.16 -0.56
N CYS A 36 -1.40 -11.33 0.54
CA CYS A 36 -1.92 -12.07 1.68
C CYS A 36 -3.12 -11.35 2.30
N ALA A 37 -3.03 -10.03 2.45
CA ALA A 37 -4.14 -9.29 3.05
C ALA A 37 -5.38 -9.33 2.14
N ILE A 38 -5.20 -9.22 0.83
CA ILE A 38 -6.32 -9.35 -0.11
C ILE A 38 -7.02 -10.68 0.07
N TRP A 39 -6.24 -11.76 0.11
CA TRP A 39 -6.81 -13.10 0.23
C TRP A 39 -7.59 -13.22 1.53
N LEU A 40 -7.00 -12.76 2.63
CA LEU A 40 -7.69 -12.84 3.93
C LEU A 40 -8.97 -12.03 3.93
N ALA A 41 -8.96 -10.85 3.32
CA ALA A 41 -10.16 -10.03 3.29
C ALA A 41 -11.24 -10.64 2.41
N GLU A 42 -10.85 -11.21 1.26
CA GLU A 42 -11.83 -11.88 0.40
C GLU A 42 -12.56 -12.99 1.14
N GLN A 43 -11.86 -13.70 2.02
CA GLN A 43 -12.47 -14.78 2.77
C GLN A 43 -13.16 -14.32 4.06
N ARG A 44 -13.01 -13.05 4.41
CA ARG A 44 -13.62 -12.48 5.62
C ARG A 44 -13.27 -13.31 6.85
N VAL A 45 -12.00 -13.66 6.96
CA VAL A 45 -11.48 -14.45 8.08
C VAL A 45 -11.57 -13.63 9.36
N PRO A 46 -12.03 -14.20 10.50
CA PRO A 46 -12.01 -13.46 11.77
C PRO A 46 -10.60 -13.35 12.32
N LEU A 47 -9.85 -12.39 11.82
CA LEU A 47 -8.43 -12.27 12.07
C LEU A 47 -8.19 -11.24 13.17
N SER A 48 -7.28 -11.53 14.08
CA SER A 48 -6.80 -10.56 15.05
C SER A 48 -5.35 -10.20 14.71
N VAL A 49 -5.10 -8.94 14.34
CA VAL A 49 -3.77 -8.46 14.02
C VAL A 49 -3.32 -7.50 15.11
N GLN A 50 -2.29 -7.88 15.85
CA GLN A 50 -1.74 -7.01 16.90
C GLN A 50 -0.24 -6.83 16.71
N LEU A 51 0.31 -5.81 17.36
CA LEU A 51 1.75 -5.69 17.36
C LEU A 51 2.35 -6.79 18.22
N LYS A 52 3.43 -7.39 17.73
CA LYS A 52 4.11 -8.46 18.48
C LYS A 52 4.71 -7.92 19.76
N PRO A 53 4.55 -8.61 20.88
CA PRO A 53 5.12 -8.13 22.14
C PRO A 53 6.62 -8.38 22.23
N GLU A 54 7.29 -7.51 22.99
CA GLU A 54 8.69 -7.69 23.30
C GLU A 54 8.82 -8.71 24.42
N VAL A 55 9.47 -9.84 24.13
CA VAL A 55 9.47 -10.97 25.05
C VAL A 55 10.88 -11.45 25.39
N SER A 56 11.91 -10.70 24.98
CA SER A 56 13.29 -11.16 25.12
C SER A 56 13.70 -11.22 26.61
N PRO A 57 14.63 -12.12 26.97
CA PRO A 57 14.81 -12.58 28.37
C PRO A 57 15.04 -11.47 29.40
N MET B 7 4.89 6.81 23.55
CA MET B 7 4.28 6.25 22.34
C MET B 7 4.43 7.21 21.16
N ASP B 8 5.45 6.96 20.33
CA ASP B 8 5.79 7.85 19.24
C ASP B 8 4.71 7.81 18.15
N GLU B 9 4.80 8.76 17.22
CA GLU B 9 3.79 8.86 16.17
C GLU B 9 3.81 7.66 15.23
N LYS B 10 4.99 7.06 15.05
CA LYS B 10 5.04 5.90 14.16
C LYS B 10 4.41 4.68 14.81
N THR B 11 4.62 4.51 16.12
CA THR B 11 3.98 3.40 16.82
C THR B 11 2.46 3.58 16.88
N LYS B 12 2.00 4.82 17.10
CA LYS B 12 0.57 5.10 17.07
C LYS B 12 -0.01 4.73 15.72
N LYS B 13 0.66 5.10 14.63
CA LYS B 13 0.13 4.75 13.32
C LYS B 13 0.14 3.24 13.10
N ALA B 14 1.20 2.55 13.54
CA ALA B 14 1.24 1.09 13.42
C ALA B 14 0.06 0.45 14.14
N GLU B 15 -0.24 0.93 15.35
CA GLU B 15 -1.38 0.37 16.08
C GLU B 15 -2.69 0.67 15.36
N GLU B 16 -2.82 1.88 14.80
CA GLU B 16 -4.00 2.22 14.01
C GLU B 16 -4.13 1.31 12.79
N MET B 17 -3.02 1.05 12.11
CA MET B 17 -3.04 0.20 10.92
C MET B 17 -3.37 -1.25 11.27
N ALA B 18 -2.86 -1.75 12.41
CA ALA B 18 -3.20 -3.12 12.82
C ALA B 18 -4.68 -3.26 13.10
N LEU B 19 -5.27 -2.28 13.80
CA LEU B 19 -6.71 -2.31 14.04
C LEU B 19 -7.49 -2.17 12.74
N SER B 20 -7.03 -1.29 11.85
CA SER B 20 -7.73 -1.10 10.58
C SER B 20 -7.66 -2.35 9.72
N LEU B 21 -6.50 -3.02 9.72
CA LEU B 21 -6.37 -4.27 8.99
C LEU B 21 -7.29 -5.34 9.55
N THR B 22 -7.36 -5.42 10.89
CA THR B 22 -8.27 -6.38 11.52
C THR B 22 -9.71 -6.17 11.08
N ARG B 23 -10.19 -4.92 11.15
CA ARG B 23 -11.57 -4.67 10.76
C ARG B 23 -11.77 -4.85 9.26
N ALA B 24 -10.76 -4.48 8.45
CA ALA B 24 -10.88 -4.60 7.00
C ALA B 24 -11.00 -6.06 6.58
N VAL B 25 -10.18 -6.94 7.16
CA VAL B 25 -10.25 -8.34 6.79
C VAL B 25 -11.60 -8.93 7.17
N ALA B 26 -12.06 -8.65 8.40
CA ALA B 26 -13.34 -9.18 8.86
C ALA B 26 -14.48 -8.69 7.99
N GLY B 27 -14.43 -7.45 7.53
CA GLY B 27 -15.48 -6.87 6.72
C GLY B 27 -15.34 -7.05 5.24
N GLY B 28 -14.32 -7.78 4.79
CA GLY B 28 -14.14 -7.99 3.37
C GLY B 28 -13.70 -6.77 2.59
N ASP B 29 -13.01 -5.84 3.23
CA ASP B 29 -12.61 -4.58 2.60
C ASP B 29 -11.20 -4.74 2.05
N GLU B 30 -11.12 -5.13 0.77
CA GLU B 30 -9.83 -5.52 0.19
C GLU B 30 -8.89 -4.32 0.04
N GLN B 31 -9.40 -3.19 -0.43
CA GLN B 31 -8.54 -2.04 -0.65
C GLN B 31 -7.95 -1.52 0.65
N VAL B 32 -8.78 -1.43 1.70
CA VAL B 32 -8.25 -0.99 2.99
C VAL B 32 -7.25 -2.00 3.52
N ALA B 33 -7.56 -3.30 3.42
CA ALA B 33 -6.61 -4.33 3.85
C ALA B 33 -5.27 -4.17 3.14
N MET B 34 -5.29 -3.97 1.81
CA MET B 34 -4.07 -3.76 1.04
C MET B 34 -3.29 -2.58 1.58
N LYS B 35 -3.97 -1.45 1.76
CA LYS B 35 -3.31 -0.22 2.20
C LYS B 35 -2.67 -0.39 3.57
N CYS B 36 -3.34 -1.12 4.47
CA CYS B 36 -2.78 -1.29 5.80
C CYS B 36 -1.57 -2.22 5.76
N ALA B 37 -1.69 -3.30 5.00
CA ALA B 37 -0.61 -4.28 4.93
C ALA B 37 0.65 -3.67 4.32
N ILE B 38 0.50 -2.84 3.28
CA ILE B 38 1.70 -2.31 2.66
C ILE B 38 2.40 -1.33 3.58
N TRP B 39 1.63 -0.56 4.36
CA TRP B 39 2.26 0.35 5.31
C TRP B 39 3.00 -0.41 6.39
N LEU B 40 2.36 -1.43 6.96
CA LEU B 40 3.02 -2.23 7.99
C LEU B 40 4.28 -2.90 7.44
N ALA B 41 4.22 -3.40 6.21
CA ALA B 41 5.36 -4.06 5.60
C ALA B 41 6.50 -3.09 5.35
N GLU B 42 6.19 -1.88 4.86
CA GLU B 42 7.24 -0.91 4.62
C GLU B 42 7.98 -0.56 5.91
N GLN B 43 7.24 -0.47 7.03
CA GLN B 43 7.84 -0.20 8.33
C GLN B 43 8.38 -1.46 9.01
N ARG B 44 8.18 -2.64 8.41
CA ARG B 44 8.64 -3.92 8.95
C ARG B 44 8.20 -4.10 10.39
N VAL B 45 6.92 -3.87 10.64
CA VAL B 45 6.33 -4.01 11.97
C VAL B 45 6.23 -5.49 12.34
N PRO B 46 6.85 -5.92 13.44
CA PRO B 46 6.62 -7.29 13.93
C PRO B 46 5.19 -7.42 14.43
N LEU B 47 4.47 -8.40 13.88
CA LEU B 47 3.06 -8.58 14.15
C LEU B 47 2.81 -9.92 14.83
N SER B 48 1.72 -9.97 15.57
CA SER B 48 1.14 -11.19 16.11
C SER B 48 -0.22 -11.33 15.47
N VAL B 49 -0.41 -12.34 14.62
CA VAL B 49 -1.63 -12.47 13.85
C VAL B 49 -2.22 -13.83 14.16
N GLN B 50 -3.49 -13.86 14.56
CA GLN B 50 -4.11 -15.16 14.80
C GLN B 50 -5.60 -15.09 14.51
N LEU B 51 -6.17 -16.24 14.16
CA LEU B 51 -7.61 -16.29 13.96
C LEU B 51 -8.32 -16.23 15.30
N LYS B 52 -9.43 -15.49 15.34
CA LYS B 52 -10.31 -15.48 16.51
C LYS B 52 -11.04 -16.81 16.63
N GLY C 1 13.63 28.45 9.24
CA GLY C 1 12.58 29.44 9.07
C GLY C 1 11.41 28.89 8.28
N PRO C 2 10.42 28.34 8.98
CA PRO C 2 9.24 27.80 8.28
C PRO C 2 8.48 28.91 7.60
N GLY C 3 7.90 28.59 6.44
CA GLY C 3 7.35 29.60 5.57
C GLY C 3 8.39 30.35 4.76
N SER C 4 9.54 29.73 4.49
CA SER C 4 10.56 30.41 3.72
C SER C 4 10.19 30.41 2.24
N GLU C 5 10.64 31.46 1.53
CA GLU C 5 10.52 31.49 0.08
C GLU C 5 11.14 30.24 -0.54
N PHE C 6 12.28 29.82 -0.02
CA PHE C 6 12.97 28.66 -0.57
C PHE C 6 12.12 27.42 -0.47
N MET C 7 11.57 27.15 0.72
CA MET C 7 10.73 25.97 0.88
C MET C 7 9.49 26.06 0.00
N ASP C 8 8.94 27.28 -0.15
CA ASP C 8 7.78 27.47 -1.03
C ASP C 8 8.14 27.16 -2.49
N GLU C 9 9.30 27.60 -2.95
CA GLU C 9 9.71 27.28 -4.31
C GLU C 9 9.86 25.76 -4.48
N LYS C 10 10.45 25.09 -3.51
CA LYS C 10 10.64 23.64 -3.61
C LYS C 10 9.30 22.92 -3.62
N THR C 11 8.35 23.40 -2.83
CA THR C 11 7.02 22.79 -2.78
C THR C 11 6.30 22.95 -4.12
N LYS C 12 6.40 24.14 -4.73
CA LYS C 12 5.75 24.33 -6.02
C LYS C 12 6.39 23.47 -7.11
N LYS C 13 7.71 23.27 -7.05
CA LYS C 13 8.33 22.37 -8.03
C LYS C 13 7.84 20.94 -7.85
N ALA C 14 7.75 20.48 -6.59
CA ALA C 14 7.23 19.13 -6.32
C ALA C 14 5.79 18.99 -6.82
N GLU C 15 4.96 20.02 -6.61
CA GLU C 15 3.59 19.96 -7.12
C GLU C 15 3.57 19.90 -8.64
N GLU C 16 4.43 20.68 -9.31
CA GLU C 16 4.54 20.62 -10.77
C GLU C 16 4.87 19.20 -11.23
N MET C 17 5.85 18.57 -10.57
CA MET C 17 6.27 17.23 -10.97
C MET C 17 5.17 16.21 -10.74
N ALA C 18 4.39 16.38 -9.66
CA ALA C 18 3.28 15.46 -9.41
C ALA C 18 2.23 15.58 -10.51
N LEU C 19 1.93 16.81 -10.93
CA LEU C 19 0.99 16.99 -12.02
C LEU C 19 1.55 16.47 -13.34
N SER C 20 2.86 16.63 -13.56
CA SER C 20 3.47 16.08 -14.77
C SER C 20 3.38 14.56 -14.78
N LEU C 21 3.56 13.93 -13.62
CA LEU C 21 3.38 12.48 -13.49
C LEU C 21 1.95 12.07 -13.86
N THR C 22 0.95 12.75 -13.29
CA THR C 22 -0.43 12.41 -13.60
CA THR C 22 -0.42 12.39 -13.60
C THR C 22 -0.72 12.52 -15.08
N ARG C 23 -0.26 13.62 -15.71
CA ARG C 23 -0.51 13.81 -17.13
C ARG C 23 0.20 12.75 -17.96
N ALA C 24 1.46 12.46 -17.63
CA ALA C 24 2.20 11.46 -18.38
C ALA C 24 1.56 10.09 -18.25
N VAL C 25 1.13 9.73 -17.04
CA VAL C 25 0.50 8.42 -16.88
C VAL C 25 -0.80 8.35 -17.66
N ALA C 26 -1.63 9.40 -17.57
CA ALA C 26 -2.91 9.37 -18.28
C ALA C 26 -2.72 9.27 -19.79
N GLY C 27 -1.66 9.87 -20.32
CA GLY C 27 -1.36 9.89 -21.73
C GLY C 27 -0.56 8.72 -22.25
N GLY C 28 -0.18 7.78 -21.39
CA GLY C 28 0.66 6.67 -21.77
C GLY C 28 2.10 7.00 -22.09
N ASP C 29 2.59 8.14 -21.59
CA ASP C 29 3.96 8.58 -21.85
C ASP C 29 4.89 7.92 -20.84
N GLU C 30 5.29 6.69 -21.16
CA GLU C 30 6.04 5.89 -20.19
C GLU C 30 7.37 6.53 -19.80
N GLN C 31 8.09 7.10 -20.76
CA GLN C 31 9.41 7.64 -20.42
C GLN C 31 9.28 8.84 -19.49
N VAL C 32 8.35 9.74 -19.77
CA VAL C 32 8.19 10.90 -18.88
C VAL C 32 7.65 10.45 -17.52
N ALA C 33 6.74 9.47 -17.51
CA ALA C 33 6.21 8.99 -16.24
C ALA C 33 7.34 8.45 -15.35
N MET C 34 8.24 7.65 -15.94
CA MET C 34 9.33 7.10 -15.14
C MET C 34 10.26 8.20 -14.63
N LYS C 35 10.57 9.18 -15.49
CA LYS C 35 11.45 10.26 -15.06
C LYS C 35 10.80 11.10 -13.95
N CYS C 36 9.50 11.35 -14.06
CA CYS C 36 8.82 12.07 -12.99
C CYS C 36 8.87 11.28 -11.69
N ALA C 37 8.62 9.97 -11.75
CA ALA C 37 8.64 9.16 -10.55
C ALA C 37 10.03 9.10 -9.94
N ILE C 38 11.07 9.01 -10.78
CA ILE C 38 12.46 9.01 -10.30
C ILE C 38 12.73 10.26 -9.49
N TRP C 39 12.35 11.42 -10.04
CA TRP C 39 12.62 12.69 -9.39
C TRP C 39 11.90 12.77 -8.06
N LEU C 40 10.65 12.33 -8.03
CA LEU C 40 9.87 12.39 -6.79
C LEU C 40 10.48 11.48 -5.72
N ALA C 41 10.92 10.28 -6.12
CA ALA C 41 11.57 9.41 -5.16
C ALA C 41 12.89 10.00 -4.65
N GLU C 42 13.69 10.58 -5.56
CA GLU C 42 14.96 11.19 -5.17
C GLU C 42 14.75 12.29 -4.14
N GLN C 43 13.67 13.05 -4.26
CA GLN C 43 13.34 14.11 -3.32
C GLN C 43 12.59 13.61 -2.10
N ARG C 44 12.21 12.33 -2.07
CA ARG C 44 11.44 11.74 -0.97
C ARG C 44 10.19 12.58 -0.69
N VAL C 45 9.49 12.92 -1.75
CA VAL C 45 8.29 13.76 -1.64
C VAL C 45 7.21 12.97 -0.90
N PRO C 46 6.59 13.54 0.13
CA PRO C 46 5.47 12.85 0.78
C PRO C 46 4.23 12.88 -0.09
N LEU C 47 4.18 11.99 -1.06
CA LEU C 47 3.12 11.97 -2.05
C LEU C 47 2.02 11.01 -1.63
N SER C 48 0.79 11.31 -2.05
CA SER C 48 -0.31 10.36 -2.01
C SER C 48 -0.77 10.13 -3.44
N VAL C 49 -0.61 8.91 -3.95
CA VAL C 49 -1.01 8.54 -5.30
C VAL C 49 -2.23 7.64 -5.18
N GLN C 50 -3.38 8.09 -5.66
CA GLN C 50 -4.58 7.28 -5.64
C GLN C 50 -5.19 7.22 -7.04
N LEU C 51 -6.06 6.25 -7.27
CA LEU C 51 -6.81 6.26 -8.51
C LEU C 51 -7.79 7.42 -8.50
N LYS C 52 -7.88 8.12 -9.63
CA LYS C 52 -8.79 9.27 -9.75
C LYS C 52 -10.24 8.81 -9.65
N PRO C 53 -11.07 9.48 -8.86
CA PRO C 53 -12.48 9.07 -8.78
C PRO C 53 -13.22 9.38 -10.08
N GLU C 54 -14.25 8.57 -10.34
CA GLU C 54 -15.17 8.87 -11.42
C GLU C 54 -16.12 9.97 -10.99
N VAL C 55 -16.16 11.06 -11.75
CA VAL C 55 -17.24 12.05 -11.62
C VAL C 55 -18.20 11.83 -12.78
N SER C 56 -19.44 11.48 -12.45
CA SER C 56 -20.40 11.01 -13.45
C SER C 56 -21.14 12.14 -14.15
N GLU D 5 -14.87 -7.10 -4.43
CA GLU D 5 -14.46 -5.67 -4.35
C GLU D 5 -13.87 -5.25 -5.70
N PHE D 6 -12.78 -5.86 -6.14
CA PHE D 6 -12.21 -5.44 -7.44
C PHE D 6 -12.94 -6.12 -8.57
N MET D 7 -13.25 -5.36 -9.59
CA MET D 7 -14.00 -5.91 -10.70
C MET D 7 -13.15 -6.86 -11.55
N ASP D 8 -11.85 -6.60 -11.66
CA ASP D 8 -11.00 -7.42 -12.52
C ASP D 8 -9.55 -7.32 -12.05
N GLU D 9 -8.69 -8.09 -12.73
CA GLU D 9 -7.28 -8.14 -12.35
C GLU D 9 -6.59 -6.82 -12.58
N LYS D 10 -6.97 -6.08 -13.63
CA LYS D 10 -6.29 -4.83 -13.95
C LYS D 10 -6.56 -3.76 -12.91
N THR D 11 -7.82 -3.63 -12.45
CA THR D 11 -8.10 -2.63 -11.42
C THR D 11 -7.41 -2.98 -10.11
N LYS D 12 -7.35 -4.26 -9.78
CA LYS D 12 -6.64 -4.68 -8.57
C LYS D 12 -5.16 -4.30 -8.65
N LYS D 13 -4.51 -4.62 -9.77
CA LYS D 13 -3.09 -4.32 -9.89
C LYS D 13 -2.84 -2.82 -9.93
N ALA D 14 -3.76 -2.04 -10.51
CA ALA D 14 -3.60 -0.59 -10.50
C ALA D 14 -3.60 -0.06 -9.08
N GLU D 15 -4.51 -0.56 -8.24
CA GLU D 15 -4.54 -0.13 -6.85
CA GLU D 15 -4.53 -0.13 -6.86
C GLU D 15 -3.26 -0.53 -6.14
N GLU D 16 -2.78 -1.76 -6.36
CA GLU D 16 -1.51 -2.19 -5.80
C GLU D 16 -0.38 -1.27 -6.25
N MET D 17 -0.36 -0.91 -7.54
CA MET D 17 0.73 -0.09 -8.06
C MET D 17 0.67 1.34 -7.51
N ALA D 18 -0.52 1.90 -7.35
CA ALA D 18 -0.63 3.23 -6.75
C ALA D 18 -0.11 3.22 -5.32
N LEU D 19 -0.50 2.22 -4.53
CA LEU D 19 -0.01 2.12 -3.17
C LEU D 19 1.50 1.93 -3.14
N SER D 20 2.03 1.07 -4.01
CA SER D 20 3.47 0.84 -4.08
C SER D 20 4.22 2.09 -4.51
N LEU D 21 3.68 2.83 -5.48
CA LEU D 21 4.33 4.07 -5.88
C LEU D 21 4.35 5.07 -4.72
N THR D 22 3.24 5.17 -3.99
CA THR D 22 3.19 6.07 -2.84
C THR D 22 4.29 5.74 -1.84
N ARG D 23 4.43 4.46 -1.50
CA ARG D 23 5.46 4.07 -0.53
C ARG D 23 6.86 4.25 -1.11
N ALA D 24 7.04 3.95 -2.40
CA ALA D 24 8.37 4.04 -3.01
C ALA D 24 8.87 5.49 -3.03
N VAL D 25 8.01 6.42 -3.44
CA VAL D 25 8.42 7.82 -3.51
C VAL D 25 8.78 8.33 -2.12
N ALA D 26 7.95 8.04 -1.12
CA ALA D 26 8.24 8.51 0.24
C ALA D 26 9.51 7.88 0.79
N GLY D 27 9.80 6.65 0.40
CA GLY D 27 10.98 5.94 0.87
C GLY D 27 12.23 6.13 0.05
N GLY D 28 12.18 6.93 -1.03
CA GLY D 28 13.33 7.15 -1.87
C GLY D 28 13.73 5.97 -2.74
N ASP D 29 12.80 5.04 -2.99
CA ASP D 29 13.09 3.83 -3.76
C ASP D 29 12.85 4.12 -5.24
N GLU D 30 13.92 4.53 -5.93
CA GLU D 30 13.77 5.03 -7.30
C GLU D 30 13.35 3.92 -8.26
N GLN D 31 13.96 2.74 -8.15
CA GLN D 31 13.69 1.71 -9.15
C GLN D 31 12.27 1.15 -8.99
N VAL D 32 11.80 1.00 -7.75
CA VAL D 32 10.42 0.57 -7.57
C VAL D 32 9.45 1.64 -8.06
N ALA D 33 9.75 2.91 -7.76
CA ALA D 33 8.91 4.00 -8.28
C ALA D 33 8.83 3.95 -9.80
N MET D 34 9.97 3.73 -10.48
CA MET D 34 9.98 3.60 -11.94
C MET D 34 9.10 2.46 -12.40
N LYS D 35 9.23 1.31 -11.74
CA LYS D 35 8.49 0.11 -12.12
C LYS D 35 6.99 0.32 -12.01
N CYS D 36 6.53 0.98 -10.93
CA CYS D 36 5.10 1.26 -10.81
C CYS D 36 4.66 2.28 -11.84
N ALA D 37 5.46 3.33 -12.05
CA ALA D 37 5.07 4.37 -12.99
C ALA D 37 4.91 3.84 -14.40
N ILE D 38 5.82 2.98 -14.86
CA ILE D 38 5.73 2.51 -16.24
C ILE D 38 4.48 1.65 -16.42
N TRP D 39 4.12 0.86 -15.40
CA TRP D 39 2.91 0.03 -15.52
C TRP D 39 1.66 0.91 -15.53
N LEU D 40 1.59 1.89 -14.62
CA LEU D 40 0.43 2.77 -14.61
C LEU D 40 0.31 3.53 -15.92
N ALA D 41 1.45 4.00 -16.47
CA ALA D 41 1.45 4.72 -17.75
C ALA D 41 1.00 3.82 -18.90
N GLU D 42 1.54 2.60 -18.96
CA GLU D 42 1.13 1.69 -20.01
C GLU D 42 -0.38 1.46 -20.00
N GLN D 43 -0.97 1.35 -18.81
CA GLN D 43 -2.41 1.12 -18.69
C GLN D 43 -3.22 2.42 -18.73
N ARG D 44 -2.55 3.57 -18.79
CA ARG D 44 -3.19 4.88 -18.85
C ARG D 44 -4.19 5.06 -17.71
N VAL D 45 -3.74 4.74 -16.51
CA VAL D 45 -4.56 4.83 -15.30
C VAL D 45 -4.76 6.28 -14.90
N PRO D 46 -5.99 6.80 -14.80
CA PRO D 46 -6.16 8.18 -14.31
C PRO D 46 -5.89 8.24 -12.81
N LEU D 47 -5.01 9.14 -12.41
CA LEU D 47 -4.54 9.21 -11.04
C LEU D 47 -4.92 10.53 -10.40
N SER D 48 -5.06 10.50 -9.07
CA SER D 48 -5.16 11.69 -8.22
C SER D 48 -3.92 11.71 -7.35
N VAL D 49 -3.07 12.72 -7.52
CA VAL D 49 -1.78 12.74 -6.84
C VAL D 49 -1.67 14.06 -6.10
N GLN D 50 -1.43 14.01 -4.79
CA GLN D 50 -1.28 15.23 -4.00
C GLN D 50 -0.25 15.05 -2.89
N LEU D 51 0.42 16.16 -2.55
CA LEU D 51 1.38 16.12 -1.46
C LEU D 51 0.68 16.04 -0.12
N LYS D 52 1.36 15.44 0.84
CA LYS D 52 0.95 15.54 2.24
C LYS D 52 1.32 16.89 2.86
#